data_5LBZ
#
_entry.id   5LBZ
#
_cell.length_a   61.454
_cell.length_b   79.220
_cell.length_c   106.230
_cell.angle_alpha   90.00
_cell.angle_beta   90.00
_cell.angle_gamma   90.00
#
_symmetry.space_group_name_H-M   'P 21 21 21'
#
loop_
_entity.id
_entity.type
_entity.pdbx_description
1 polymer 'Ribosyldihydronicotinamide dehydrogenase [quinone]'
2 non-polymer 'FLAVIN-ADENINE DINUCLEOTIDE'
3 non-polymer 11-(2-pyrrolidin-1-yl-ethoxy)-14,19-dioxa-5,7,26-triaza-tetracyclo[19.3.1.1(2,6).1(8,12)]heptacosa-1(25),2(26),3,5,8,10,12(27),16,21,23-decaene
4 non-polymer 'SULFATE ION'
5 non-polymer 'ZINC ION'
6 water water
#
_entity_poly.entity_id   1
_entity_poly.type   'polypeptide(L)'
_entity_poly.pdbx_seq_one_letter_code
;MAGKKVLIVYAHQEPKSFNGSLKNVAVDELSRQGCTVTVSDLYAMNLEPRATDKDITGTLSNPEVFNYGVETHEAYKQRS
LASDITDEQKKVREADLVIFQFPLYWFSVPAILKGWMDRVLCQGFAFDIPGFYDSGLLQGKLALLSVTTGGTAEMYTKTG
VNGDSRYFLWPLQHGTLHFCGFKVLAPQISFAPEIASEEERKGMVAAWSQRLQTIWKEEPIPCTAHWHFGQHHHHHH
;
_entity_poly.pdbx_strand_id   A,B
#
# COMPACT_ATOMS: atom_id res chain seq x y z
N LYS A 4 -11.99 -6.18 -27.55
CA LYS A 4 -11.61 -5.59 -26.21
C LYS A 4 -10.43 -6.39 -25.58
N LYS A 5 -9.48 -5.65 -25.05
CA LYS A 5 -8.28 -6.22 -24.42
C LYS A 5 -8.37 -6.01 -22.90
N VAL A 6 -8.09 -7.07 -22.15
CA VAL A 6 -8.15 -7.03 -20.71
C VAL A 6 -6.84 -7.51 -20.12
N LEU A 7 -6.33 -6.77 -19.15
CA LEU A 7 -5.19 -7.19 -18.33
C LEU A 7 -5.71 -7.46 -16.93
N ILE A 8 -5.41 -8.64 -16.39
CA ILE A 8 -5.70 -8.99 -15.01
C ILE A 8 -4.34 -8.99 -14.26
N VAL A 9 -4.21 -8.10 -13.31
CA VAL A 9 -3.05 -8.05 -12.44
C VAL A 9 -3.44 -8.79 -11.17
N TYR A 10 -2.84 -9.93 -10.97
CA TYR A 10 -3.25 -10.92 -9.99
C TYR A 10 -2.18 -11.09 -8.93
N ALA A 11 -2.61 -11.00 -7.66
CA ALA A 11 -1.70 -11.05 -6.53
C ALA A 11 -2.09 -12.02 -5.44
N HIS A 12 -1.88 -13.29 -5.70
CA HIS A 12 -2.10 -14.31 -4.69
C HIS A 12 -1.07 -15.43 -4.89
N GLN A 13 -0.60 -15.98 -3.77
CA GLN A 13 0.45 -16.99 -3.81
C GLN A 13 -0.02 -18.39 -4.23
N GLU A 14 -1.32 -18.65 -4.07
CA GLU A 14 -1.84 -20.03 -4.14
C GLU A 14 -2.84 -20.17 -5.28
N PRO A 15 -2.50 -21.01 -6.29
CA PRO A 15 -3.42 -21.18 -7.41
C PRO A 15 -4.80 -21.73 -7.06
N LYS A 16 -4.87 -22.54 -6.01
CA LYS A 16 -6.11 -23.13 -5.58
C LYS A 16 -6.95 -22.25 -4.65
N SER A 17 -6.45 -21.05 -4.42
CA SER A 17 -7.15 -20.09 -3.57
C SER A 17 -8.45 -19.61 -4.18
N PHE A 18 -9.28 -19.01 -3.32
CA PHE A 18 -10.47 -18.30 -3.78
C PHE A 18 -10.09 -17.20 -4.78
N ASN A 19 -9.04 -16.43 -4.48
CA ASN A 19 -8.55 -15.46 -5.46
C ASN A 19 -8.18 -16.12 -6.79
N GLY A 20 -7.50 -17.24 -6.71
CA GLY A 20 -7.14 -17.97 -7.92
C GLY A 20 -8.38 -18.34 -8.72
N SER A 21 -9.43 -18.77 -8.03
CA SER A 21 -10.68 -19.15 -8.71
C SER A 21 -11.33 -17.93 -9.35
N LEU A 22 -11.30 -16.77 -8.70
CA LEU A 22 -11.86 -15.57 -9.28
C LEU A 22 -11.07 -15.15 -10.52
N LYS A 23 -9.74 -15.28 -10.47
CA LYS A 23 -8.91 -15.00 -11.63
C LYS A 23 -9.24 -15.96 -12.76
N ASN A 24 -9.34 -17.24 -12.45
CA ASN A 24 -9.59 -18.22 -13.50
C ASN A 24 -10.96 -18.05 -14.12
N VAL A 25 -11.99 -17.71 -13.34
CA VAL A 25 -13.31 -17.55 -13.94
C VAL A 25 -13.36 -16.29 -14.81
N ALA A 26 -12.56 -15.28 -14.46
CA ALA A 26 -12.45 -14.08 -15.27
C ALA A 26 -11.80 -14.43 -16.62
N VAL A 27 -10.70 -15.18 -16.58
CA VAL A 27 -10.10 -15.64 -17.86
C VAL A 27 -11.11 -16.43 -18.66
N ASP A 28 -11.80 -17.37 -18.02
CA ASP A 28 -12.77 -18.22 -18.74
C ASP A 28 -13.85 -17.37 -19.41
N GLU A 29 -14.46 -16.48 -18.63
CA GLU A 29 -15.60 -15.71 -19.15
C GLU A 29 -15.19 -14.69 -20.18
N LEU A 30 -14.12 -13.94 -19.92
CA LEU A 30 -13.64 -12.94 -20.86
C LEU A 30 -13.16 -13.63 -22.15
N SER A 31 -12.50 -14.78 -22.02
N SER A 31 -12.50 -14.78 -22.02
CA SER A 31 -12.07 -15.53 -23.20
CA SER A 31 -12.08 -15.54 -23.20
C SER A 31 -13.27 -16.00 -24.02
C SER A 31 -13.27 -16.01 -24.03
N ARG A 32 -14.31 -16.50 -23.34
CA ARG A 32 -15.54 -16.96 -24.01
C ARG A 32 -16.18 -15.82 -24.83
N GLN A 33 -16.14 -14.61 -24.32
CA GLN A 33 -16.68 -13.45 -25.02
C GLN A 33 -15.88 -13.07 -26.25
N GLY A 34 -14.65 -13.55 -26.33
CA GLY A 34 -13.78 -13.18 -27.44
C GLY A 34 -12.80 -12.06 -27.11
N CYS A 35 -12.72 -11.68 -25.84
CA CYS A 35 -11.73 -10.70 -25.43
C CYS A 35 -10.32 -11.25 -25.51
N THR A 36 -9.38 -10.33 -25.68
CA THR A 36 -7.95 -10.63 -25.58
C THR A 36 -7.59 -10.49 -24.11
N VAL A 37 -7.04 -11.55 -23.51
CA VAL A 37 -6.83 -11.56 -22.06
C VAL A 37 -5.38 -11.91 -21.74
N THR A 38 -4.81 -11.12 -20.84
CA THR A 38 -3.47 -11.34 -20.32
C THR A 38 -3.54 -11.30 -18.81
N VAL A 39 -2.81 -12.19 -18.16
CA VAL A 39 -2.72 -12.19 -16.70
C VAL A 39 -1.29 -11.94 -16.29
N SER A 40 -1.06 -10.96 -15.44
CA SER A 40 0.22 -10.76 -14.78
C SER A 40 0.12 -11.38 -13.38
N ASP A 41 0.66 -12.60 -13.23
CA ASP A 41 0.61 -13.36 -11.99
C ASP A 41 1.86 -12.95 -11.20
N LEU A 42 1.71 -11.94 -10.37
CA LEU A 42 2.87 -11.27 -9.80
C LEU A 42 3.76 -12.17 -8.96
N TYR A 43 3.17 -13.03 -8.13
CA TYR A 43 4.01 -13.93 -7.34
C TYR A 43 4.73 -14.95 -8.22
N ALA A 44 4.06 -15.45 -9.24
CA ALA A 44 4.70 -16.42 -10.14
C ALA A 44 5.83 -15.77 -10.92
N MET A 45 5.68 -14.48 -11.23
CA MET A 45 6.68 -13.71 -11.94
C MET A 45 7.80 -13.26 -10.98
N ASN A 46 7.60 -13.45 -9.69
CA ASN A 46 8.49 -12.97 -8.65
C ASN A 46 8.76 -11.48 -8.85
N LEU A 47 7.70 -10.72 -9.12
CA LEU A 47 7.86 -9.33 -9.45
C LEU A 47 8.62 -8.59 -8.35
N GLU A 48 9.60 -7.78 -8.75
CA GLU A 48 10.35 -6.93 -7.82
C GLU A 48 9.37 -5.82 -7.33
N PRO A 49 9.22 -5.69 -5.99
CA PRO A 49 8.34 -4.61 -5.51
C PRO A 49 9.05 -3.32 -5.15
N ARG A 50 10.37 -3.41 -4.90
CA ARG A 50 11.11 -2.26 -4.38
C ARG A 50 11.41 -1.27 -5.46
N ALA A 51 11.29 0.02 -5.13
CA ALA A 51 11.63 1.10 -6.05
C ALA A 51 13.11 1.40 -5.87
N THR A 52 13.96 0.90 -6.79
CA THR A 52 15.39 1.09 -6.64
C THR A 52 16.03 1.51 -7.95
N ASP A 53 17.32 1.85 -7.85
CA ASP A 53 18.07 2.21 -9.02
C ASP A 53 18.25 1.07 -10.05
N LYS A 54 17.93 -0.17 -9.68
CA LYS A 54 17.94 -1.28 -10.64
C LYS A 54 16.84 -1.10 -11.69
N ASP A 55 15.88 -0.22 -11.42
CA ASP A 55 14.80 -0.02 -12.37
C ASP A 55 15.18 0.80 -13.60
N ILE A 56 16.37 1.41 -13.53
CA ILE A 56 16.92 2.17 -14.63
C ILE A 56 18.11 1.38 -15.17
N THR A 57 18.12 1.05 -16.45
N THR A 57 18.09 1.07 -16.46
CA THR A 57 19.27 0.41 -17.08
CA THR A 57 19.25 0.44 -17.12
C THR A 57 20.28 1.48 -17.53
C THR A 57 20.27 1.50 -17.57
N GLY A 58 21.53 1.07 -17.49
CA GLY A 58 22.69 1.93 -17.71
C GLY A 58 22.92 3.01 -16.65
N THR A 59 23.41 4.14 -17.12
CA THR A 59 23.94 5.15 -16.22
C THR A 59 22.79 6.04 -15.76
N LEU A 60 22.80 6.36 -14.49
CA LEU A 60 21.82 7.25 -13.92
C LEU A 60 22.11 8.68 -14.31
N SER A 61 21.04 9.46 -14.35
CA SER A 61 21.14 10.89 -14.60
C SER A 61 21.95 11.61 -13.51
N ASN A 62 21.75 11.19 -12.26
CA ASN A 62 22.57 11.67 -11.13
C ASN A 62 22.95 10.47 -10.28
N PRO A 63 24.16 9.96 -10.51
CA PRO A 63 24.66 8.80 -9.76
C PRO A 63 25.04 9.08 -8.31
N GLU A 64 25.17 10.34 -7.92
CA GLU A 64 25.56 10.69 -6.55
C GLU A 64 24.38 10.80 -5.57
N VAL A 65 23.26 11.32 -6.06
CA VAL A 65 22.07 11.51 -5.24
C VAL A 65 20.90 10.90 -6.01
N PHE A 66 20.33 9.84 -5.48
CA PHE A 66 19.31 9.07 -6.19
C PHE A 66 17.91 9.56 -5.90
N ASN A 67 17.22 9.98 -6.96
CA ASN A 67 15.85 10.47 -6.88
C ASN A 67 15.03 9.56 -7.78
N TYR A 68 14.29 8.63 -7.16
CA TYR A 68 13.57 7.60 -7.92
C TYR A 68 12.62 8.19 -8.93
N GLY A 69 11.85 9.17 -8.50
CA GLY A 69 10.89 9.77 -9.42
C GLY A 69 11.51 10.42 -10.65
N VAL A 70 12.56 11.21 -10.41
CA VAL A 70 13.24 11.89 -11.54
C VAL A 70 13.88 10.86 -12.43
N GLU A 71 14.58 9.89 -11.85
CA GLU A 71 15.30 8.91 -12.64
C GLU A 71 14.37 8.04 -13.47
N THR A 72 13.24 7.63 -12.91
CA THR A 72 12.32 6.78 -13.68
C THR A 72 11.60 7.59 -14.77
N HIS A 73 11.26 8.83 -14.48
CA HIS A 73 10.64 9.68 -15.50
C HIS A 73 11.62 9.85 -16.69
N GLU A 74 12.86 10.16 -16.39
N GLU A 74 12.86 10.15 -16.38
CA GLU A 74 13.86 10.30 -17.46
CA GLU A 74 13.87 10.30 -17.41
C GLU A 74 14.11 8.99 -18.17
C GLU A 74 14.12 8.99 -18.17
N ALA A 75 14.20 7.90 -17.44
CA ALA A 75 14.39 6.58 -18.06
C ALA A 75 13.26 6.21 -18.99
N TYR A 76 12.02 6.56 -18.61
CA TYR A 76 10.88 6.30 -19.48
C TYR A 76 11.11 7.02 -20.82
N LYS A 77 11.46 8.30 -20.72
CA LYS A 77 11.71 9.11 -21.94
C LYS A 77 12.85 8.59 -22.81
N GLN A 78 13.87 8.04 -22.15
CA GLN A 78 15.10 7.56 -22.80
C GLN A 78 15.00 6.07 -23.17
N ARG A 79 13.85 5.45 -22.89
CA ARG A 79 13.67 4.04 -23.15
C ARG A 79 14.73 3.19 -22.46
N SER A 80 15.01 3.54 -21.19
CA SER A 80 16.01 2.83 -20.39
C SER A 80 15.46 2.26 -19.07
N LEU A 81 14.17 1.98 -19.01
CA LEU A 81 13.62 1.28 -17.83
C LEU A 81 13.91 -0.19 -17.93
N ALA A 82 13.97 -0.84 -16.78
CA ALA A 82 14.09 -2.30 -16.72
C ALA A 82 12.98 -2.98 -17.51
N SER A 83 13.32 -4.16 -18.08
CA SER A 83 12.41 -4.84 -18.97
C SER A 83 11.16 -5.35 -18.25
N ASP A 84 11.25 -5.67 -16.95
CA ASP A 84 10.00 -6.10 -16.27
C ASP A 84 8.96 -4.96 -16.29
N ILE A 85 9.41 -3.75 -16.01
CA ILE A 85 8.57 -2.58 -16.05
C ILE A 85 8.02 -2.34 -17.46
N THR A 86 8.90 -2.30 -18.44
CA THR A 86 8.41 -1.98 -19.79
C THR A 86 7.47 -3.06 -20.32
N ASP A 87 7.67 -4.31 -19.92
CA ASP A 87 6.74 -5.39 -20.32
C ASP A 87 5.34 -5.14 -19.73
N GLU A 88 5.30 -4.73 -18.47
CA GLU A 88 4.00 -4.40 -17.87
C GLU A 88 3.37 -3.19 -18.51
N GLN A 89 4.19 -2.19 -18.83
CA GLN A 89 3.65 -0.99 -19.46
C GLN A 89 2.99 -1.33 -20.82
N LYS A 90 3.62 -2.23 -21.59
CA LYS A 90 3.00 -2.60 -22.88
C LYS A 90 1.63 -3.22 -22.66
N LYS A 91 1.50 -4.07 -21.65
CA LYS A 91 0.22 -4.71 -21.35
C LYS A 91 -0.85 -3.66 -20.98
N VAL A 92 -0.46 -2.70 -20.13
CA VAL A 92 -1.37 -1.64 -19.71
C VAL A 92 -1.75 -0.74 -20.89
N ARG A 93 -0.75 -0.38 -21.69
CA ARG A 93 -0.99 0.52 -22.82
C ARG A 93 -2.02 -0.03 -23.77
N GLU A 94 -1.97 -1.34 -23.99
CA GLU A 94 -2.86 -2.00 -24.93
C GLU A 94 -4.25 -2.31 -24.34
N ALA A 95 -4.35 -2.37 -23.02
CA ALA A 95 -5.58 -2.80 -22.38
C ALA A 95 -6.69 -1.77 -22.46
N ASP A 96 -7.91 -2.26 -22.64
CA ASP A 96 -9.12 -1.45 -22.50
C ASP A 96 -9.68 -1.48 -21.07
N LEU A 97 -9.37 -2.58 -20.36
CA LEU A 97 -9.82 -2.81 -19.00
C LEU A 97 -8.67 -3.43 -18.26
N VAL A 98 -8.37 -2.90 -17.07
CA VAL A 98 -7.38 -3.49 -16.18
C VAL A 98 -8.13 -3.89 -14.90
N ILE A 99 -8.12 -5.20 -14.60
CA ILE A 99 -8.70 -5.76 -13.41
C ILE A 99 -7.58 -6.06 -12.43
N PHE A 100 -7.73 -5.64 -11.18
CA PHE A 100 -6.79 -6.02 -10.13
C PHE A 100 -7.46 -7.04 -9.26
N GLN A 101 -6.88 -8.23 -9.11
CA GLN A 101 -7.48 -9.34 -8.30
C GLN A 101 -6.57 -9.61 -7.14
N PHE A 102 -7.04 -9.34 -5.93
CA PHE A 102 -6.18 -9.47 -4.77
C PHE A 102 -6.98 -9.64 -3.49
N PRO A 103 -6.33 -10.29 -2.50
CA PRO A 103 -6.82 -10.23 -1.15
C PRO A 103 -6.44 -8.91 -0.50
N LEU A 104 -7.36 -8.36 0.30
CA LEU A 104 -7.08 -7.13 1.03
C LEU A 104 -6.01 -7.44 2.09
N TYR A 105 -4.94 -6.64 2.08
CA TYR A 105 -3.88 -6.71 3.08
C TYR A 105 -3.77 -5.35 3.74
N TRP A 106 -4.14 -5.23 5.00
CA TRP A 106 -4.02 -3.95 5.71
C TRP A 106 -4.74 -2.84 5.00
N PHE A 107 -6.00 -3.10 4.64
CA PHE A 107 -6.88 -2.11 4.03
C PHE A 107 -6.32 -1.61 2.70
N SER A 108 -5.49 -2.43 2.05
CA SER A 108 -4.84 -2.03 0.81
C SER A 108 -4.44 -3.26 0.00
N VAL A 109 -3.61 -3.06 -0.98
CA VAL A 109 -3.11 -4.13 -1.80
C VAL A 109 -1.92 -4.82 -1.13
N PRO A 110 -1.71 -6.11 -1.42
CA PRO A 110 -0.48 -6.74 -1.01
C PRO A 110 0.73 -5.95 -1.52
N ALA A 111 1.83 -5.99 -0.77
CA ALA A 111 3.00 -5.23 -1.18
C ALA A 111 3.47 -5.53 -2.59
N ILE A 112 3.39 -6.78 -3.04
CA ILE A 112 3.87 -7.08 -4.38
C ILE A 112 3.10 -6.25 -5.43
N LEU A 113 1.80 -6.11 -5.22
CA LEU A 113 0.92 -5.29 -6.09
C LEU A 113 1.17 -3.81 -5.89
N LYS A 114 1.42 -3.38 -4.65
CA LYS A 114 1.81 -2.00 -4.45
C LYS A 114 3.07 -1.69 -5.26
N GLY A 115 4.01 -2.65 -5.29
CA GLY A 115 5.22 -2.46 -6.05
C GLY A 115 4.98 -2.36 -7.54
N TRP A 116 4.04 -3.14 -8.06
CA TRP A 116 3.61 -3.00 -9.45
C TRP A 116 3.16 -1.57 -9.69
N MET A 117 2.30 -1.05 -8.81
CA MET A 117 1.81 0.30 -9.01
CA MET A 117 1.79 0.33 -8.97
C MET A 117 2.96 1.32 -8.98
N ASP A 118 3.81 1.21 -7.96
CA ASP A 118 4.90 2.14 -7.76
C ASP A 118 5.85 2.17 -8.94
N ARG A 119 6.16 1.00 -9.49
CA ARG A 119 7.20 0.89 -10.51
C ARG A 119 6.67 1.01 -11.93
N VAL A 120 5.46 0.50 -12.20
CA VAL A 120 4.92 0.51 -13.55
C VAL A 120 4.33 1.86 -13.94
N LEU A 121 3.62 2.49 -12.99
CA LEU A 121 2.85 3.71 -13.31
C LEU A 121 3.75 4.95 -13.16
N CYS A 122 4.80 5.02 -13.98
CA CYS A 122 5.75 6.11 -13.82
C CYS A 122 5.32 7.38 -14.59
N GLN A 123 5.92 8.48 -14.19
CA GLN A 123 5.64 9.73 -14.88
C GLN A 123 6.14 9.59 -16.34
N GLY A 124 5.38 10.17 -17.27
CA GLY A 124 5.59 9.99 -18.67
C GLY A 124 4.77 8.86 -19.29
N PHE A 125 4.53 7.82 -18.50
CA PHE A 125 3.75 6.69 -18.94
C PHE A 125 2.28 6.81 -18.52
N ALA A 126 2.09 6.94 -17.22
CA ALA A 126 0.75 6.91 -16.62
C ALA A 126 0.15 8.30 -16.42
N PHE A 127 1.02 9.30 -16.22
CA PHE A 127 0.58 10.68 -15.99
C PHE A 127 1.73 11.59 -16.40
N ASP A 128 1.41 12.84 -16.62
CA ASP A 128 2.41 13.89 -16.84
C ASP A 128 1.94 15.09 -15.98
N ILE A 129 2.76 16.12 -15.89
CA ILE A 129 2.40 17.34 -15.18
C ILE A 129 2.53 18.48 -16.19
N PRO A 130 1.42 19.00 -16.74
CA PRO A 130 0.05 18.59 -16.52
C PRO A 130 -0.24 17.27 -17.24
N GLY A 131 -1.36 16.65 -16.94
CA GLY A 131 -1.77 15.38 -17.48
C GLY A 131 -2.06 14.35 -16.41
N PHE A 132 -2.98 14.67 -15.51
CA PHE A 132 -3.36 13.77 -14.44
C PHE A 132 -4.82 13.97 -14.10
N TYR A 133 -5.34 13.09 -13.27
CA TYR A 133 -6.77 12.94 -13.04
C TYR A 133 -7.45 12.73 -14.37
N ASP A 134 -8.48 13.49 -14.68
CA ASP A 134 -9.17 13.20 -15.96
C ASP A 134 -8.29 13.40 -17.20
N SER A 135 -7.21 14.17 -17.05
N SER A 135 -7.21 14.18 -17.08
CA SER A 135 -6.24 14.38 -18.11
CA SER A 135 -6.25 14.33 -18.16
C SER A 135 -5.05 13.38 -18.06
C SER A 135 -5.05 13.38 -18.06
N GLY A 136 -5.18 12.33 -17.24
CA GLY A 136 -4.13 11.38 -17.13
C GLY A 136 -3.89 10.62 -18.42
N LEU A 137 -2.74 10.02 -18.53
CA LEU A 137 -2.29 9.42 -19.80
C LEU A 137 -2.92 8.09 -20.14
N LEU A 138 -3.58 7.48 -19.16
CA LEU A 138 -4.34 6.24 -19.37
C LEU A 138 -5.82 6.53 -19.57
N GLN A 139 -6.14 7.78 -19.89
CA GLN A 139 -7.50 8.12 -20.23
C GLN A 139 -8.02 7.28 -21.38
N GLY A 140 -9.32 7.01 -21.30
CA GLY A 140 -9.97 6.14 -22.25
C GLY A 140 -9.99 4.70 -21.86
N LYS A 141 -9.38 4.35 -20.71
CA LYS A 141 -9.33 2.98 -20.22
C LYS A 141 -10.20 2.83 -18.97
N LEU A 142 -10.58 1.61 -18.65
CA LEU A 142 -11.33 1.26 -17.47
C LEU A 142 -10.44 0.46 -16.51
N ALA A 143 -10.73 0.60 -15.22
CA ALA A 143 -10.05 -0.20 -14.19
C ALA A 143 -11.11 -0.68 -13.20
N LEU A 144 -10.86 -1.84 -12.61
N LEU A 144 -10.81 -1.80 -12.56
CA LEU A 144 -11.77 -2.43 -11.63
CA LEU A 144 -11.79 -2.48 -11.69
C LEU A 144 -10.98 -3.16 -10.59
C LEU A 144 -11.01 -3.21 -10.61
N LEU A 145 -11.30 -2.91 -9.34
CA LEU A 145 -10.74 -3.65 -8.21
C LEU A 145 -11.60 -4.81 -7.81
N SER A 146 -11.05 -6.02 -7.87
CA SER A 146 -11.71 -7.23 -7.41
C SER A 146 -10.97 -7.70 -6.17
N VAL A 147 -11.58 -7.43 -5.03
CA VAL A 147 -10.94 -7.61 -3.74
CA VAL A 147 -10.98 -7.54 -3.68
C VAL A 147 -11.64 -8.67 -2.89
N THR A 148 -10.87 -9.44 -2.14
CA THR A 148 -11.45 -10.40 -1.21
C THR A 148 -11.02 -9.98 0.19
N THR A 149 -11.85 -10.25 1.19
CA THR A 149 -11.57 -9.82 2.54
C THR A 149 -11.66 -10.94 3.55
N GLY A 150 -10.97 -10.80 4.68
CA GLY A 150 -11.25 -11.67 5.83
C GLY A 150 -12.47 -11.21 6.59
N GLY A 151 -12.63 -9.90 6.73
CA GLY A 151 -13.75 -9.35 7.45
C GLY A 151 -15.06 -9.49 6.68
N THR A 152 -16.14 -9.46 7.41
CA THR A 152 -17.48 -9.60 6.82
C THR A 152 -18.03 -8.28 6.31
N ALA A 153 -19.05 -8.36 5.48
CA ALA A 153 -19.72 -7.18 4.98
C ALA A 153 -20.21 -6.32 6.12
N GLU A 154 -20.74 -6.92 7.18
CA GLU A 154 -21.23 -6.12 8.32
C GLU A 154 -20.10 -5.34 8.99
N MET A 155 -18.90 -5.93 9.07
CA MET A 155 -17.75 -5.23 9.65
C MET A 155 -17.36 -4.01 8.80
N TYR A 156 -17.58 -4.12 7.49
CA TYR A 156 -17.28 -3.06 6.54
C TYR A 156 -18.50 -2.21 6.20
N THR A 157 -19.18 -1.81 7.24
CA THR A 157 -20.26 -0.81 7.13
C THR A 157 -19.81 0.41 7.90
N LYS A 158 -20.52 1.52 7.67
CA LYS A 158 -20.16 2.76 8.36
C LYS A 158 -20.12 2.59 9.86
N THR A 159 -21.03 1.80 10.39
CA THR A 159 -21.11 1.59 11.83
C THR A 159 -20.37 0.36 12.34
N GLY A 160 -19.81 -0.41 11.40
CA GLY A 160 -19.09 -1.60 11.75
C GLY A 160 -17.66 -1.25 12.17
N VAL A 161 -16.94 -2.24 12.67
CA VAL A 161 -15.62 -1.95 13.26
C VAL A 161 -14.60 -1.45 12.26
N ASN A 162 -14.80 -1.80 10.99
CA ASN A 162 -13.84 -1.39 9.97
C ASN A 162 -14.22 -0.15 9.20
N GLY A 163 -15.41 0.36 9.41
CA GLY A 163 -15.92 1.42 8.56
C GLY A 163 -16.35 0.91 7.20
N ASP A 164 -16.95 1.81 6.40
CA ASP A 164 -17.43 1.41 5.08
C ASP A 164 -16.25 0.89 4.24
N SER A 165 -16.51 -0.14 3.45
CA SER A 165 -15.49 -0.59 2.49
C SER A 165 -15.05 0.51 1.57
N ARG A 166 -15.95 1.43 1.22
CA ARG A 166 -15.58 2.49 0.31
C ARG A 166 -14.44 3.35 0.88
N TYR A 167 -14.34 3.45 2.21
CA TYR A 167 -13.35 4.30 2.82
C TYR A 167 -11.92 3.87 2.44
N PHE A 168 -11.65 2.59 2.43
CA PHE A 168 -10.33 2.12 2.10
C PHE A 168 -10.00 2.16 0.63
N LEU A 169 -11.01 2.32 -0.21
CA LEU A 169 -10.78 2.32 -1.64
C LEU A 169 -10.16 3.62 -2.15
N TRP A 170 -10.22 4.67 -1.37
CA TRP A 170 -9.80 6.01 -1.83
C TRP A 170 -8.38 6.09 -2.40
N PRO A 171 -7.36 5.58 -1.68
CA PRO A 171 -6.02 5.69 -2.26
C PRO A 171 -5.86 4.98 -3.59
N LEU A 172 -6.57 3.88 -3.75
CA LEU A 172 -6.51 3.05 -4.95
C LEU A 172 -7.32 3.65 -6.09
N GLN A 173 -8.59 3.93 -5.82
CA GLN A 173 -9.47 4.39 -6.86
C GLN A 173 -9.19 5.85 -7.26
N HIS A 174 -9.09 6.75 -6.28
CA HIS A 174 -8.83 8.15 -6.56
C HIS A 174 -7.38 8.45 -6.75
N GLY A 175 -6.58 8.11 -5.75
CA GLY A 175 -5.20 8.50 -5.73
C GLY A 175 -4.34 7.85 -6.79
N THR A 176 -4.75 6.66 -7.24
CA THR A 176 -3.97 5.92 -8.21
C THR A 176 -4.71 5.83 -9.55
N LEU A 177 -5.83 5.13 -9.60
CA LEU A 177 -6.47 4.84 -10.87
C LEU A 177 -7.00 6.11 -11.55
N HIS A 178 -7.79 6.89 -10.83
CA HIS A 178 -8.32 8.15 -11.40
C HIS A 178 -7.16 9.06 -11.71
N PHE A 179 -6.14 9.15 -10.87
CA PHE A 179 -5.02 10.02 -11.13
C PHE A 179 -4.38 9.73 -12.48
N CYS A 180 -4.31 8.47 -12.87
CA CYS A 180 -3.73 8.09 -14.16
C CYS A 180 -4.70 8.24 -15.35
N GLY A 181 -5.92 8.67 -15.09
CA GLY A 181 -6.91 8.84 -16.13
C GLY A 181 -7.88 7.73 -16.36
N PHE A 182 -7.75 6.63 -15.60
CA PHE A 182 -8.75 5.57 -15.70
C PHE A 182 -10.15 6.08 -15.30
N LYS A 183 -11.16 5.52 -15.95
CA LYS A 183 -12.49 5.49 -15.41
C LYS A 183 -12.56 4.21 -14.57
N VAL A 184 -13.21 4.28 -13.41
CA VAL A 184 -13.23 3.20 -12.44
C VAL A 184 -14.62 2.58 -12.43
N LEU A 185 -14.68 1.28 -12.63
CA LEU A 185 -15.93 0.53 -12.48
C LEU A 185 -16.14 0.21 -11.02
N ALA A 186 -17.39 -0.05 -10.64
CA ALA A 186 -17.70 -0.36 -9.27
C ALA A 186 -16.84 -1.54 -8.80
N PRO A 187 -16.33 -1.47 -7.58
CA PRO A 187 -15.48 -2.58 -7.10
C PRO A 187 -16.24 -3.85 -6.94
N GLN A 188 -15.57 -4.97 -7.13
CA GLN A 188 -16.12 -6.29 -6.81
C GLN A 188 -15.52 -6.68 -5.47
N ILE A 189 -16.33 -6.69 -4.42
CA ILE A 189 -15.79 -7.07 -3.10
C ILE A 189 -16.44 -8.36 -2.72
N SER A 190 -15.62 -9.38 -2.58
CA SER A 190 -16.03 -10.73 -2.20
C SER A 190 -15.67 -10.93 -0.74
N PHE A 191 -16.64 -10.75 0.13
CA PHE A 191 -16.42 -10.73 1.56
C PHE A 191 -16.25 -12.10 2.17
N ALA A 192 -15.22 -12.28 2.96
CA ALA A 192 -15.12 -13.39 3.91
C ALA A 192 -15.32 -14.78 3.30
N PRO A 193 -14.53 -15.13 2.28
CA PRO A 193 -14.68 -16.47 1.70
C PRO A 193 -14.38 -17.60 2.71
N GLU A 194 -13.49 -17.39 3.65
CA GLU A 194 -13.19 -18.44 4.63
C GLU A 194 -14.39 -18.81 5.50
N ILE A 195 -15.20 -17.82 5.83
CA ILE A 195 -16.42 -18.00 6.64
C ILE A 195 -17.54 -18.62 5.82
N ALA A 196 -17.56 -18.32 4.53
CA ALA A 196 -18.57 -18.82 3.62
C ALA A 196 -18.50 -20.34 3.50
N SER A 197 -19.64 -20.98 3.26
CA SER A 197 -19.65 -22.39 2.91
C SER A 197 -19.04 -22.60 1.51
N GLU A 198 -18.66 -23.82 1.19
CA GLU A 198 -18.18 -24.13 -0.16
C GLU A 198 -19.17 -23.66 -1.22
N GLU A 199 -20.47 -23.93 -1.02
CA GLU A 199 -21.46 -23.52 -2.02
C GLU A 199 -21.65 -22.01 -2.05
N GLU A 200 -21.51 -21.34 -0.92
CA GLU A 200 -21.54 -19.87 -0.94
C GLU A 200 -20.34 -19.31 -1.72
N ARG A 201 -19.16 -19.91 -1.54
CA ARG A 201 -18.01 -19.48 -2.31
C ARG A 201 -18.25 -19.73 -3.80
N LYS A 202 -18.80 -20.87 -4.17
CA LYS A 202 -19.17 -21.12 -5.57
C LYS A 202 -20.09 -20.02 -6.07
N GLY A 203 -21.03 -19.60 -5.23
CA GLY A 203 -21.94 -18.52 -5.61
C GLY A 203 -21.23 -17.20 -5.84
N MET A 204 -20.23 -16.88 -5.02
CA MET A 204 -19.47 -15.65 -5.20
C MET A 204 -18.63 -15.71 -6.48
N VAL A 205 -18.10 -16.90 -6.82
CA VAL A 205 -17.39 -17.03 -8.11
C VAL A 205 -18.36 -16.88 -9.29
N ALA A 206 -19.53 -17.47 -9.18
CA ALA A 206 -20.54 -17.34 -10.21
C ALA A 206 -21.01 -15.90 -10.39
N ALA A 207 -21.09 -15.17 -9.26
CA ALA A 207 -21.52 -13.78 -9.31
C ALA A 207 -20.50 -12.95 -10.08
N TRP A 208 -19.22 -13.21 -9.86
CA TRP A 208 -18.18 -12.49 -10.58
C TRP A 208 -18.22 -12.80 -12.08
N SER A 209 -18.33 -14.09 -12.41
CA SER A 209 -18.46 -14.50 -13.79
C SER A 209 -19.65 -13.80 -14.46
N GLN A 210 -20.80 -13.78 -13.79
CA GLN A 210 -21.98 -13.12 -14.34
C GLN A 210 -21.77 -11.64 -14.53
N ARG A 211 -21.14 -10.99 -13.58
CA ARG A 211 -20.89 -9.60 -13.73
C ARG A 211 -20.01 -9.33 -14.95
N LEU A 212 -19.00 -10.18 -15.15
CA LEU A 212 -18.11 -9.99 -16.30
C LEU A 212 -18.83 -10.14 -17.63
N GLN A 213 -19.90 -10.93 -17.67
CA GLN A 213 -20.69 -11.08 -18.90
C GLN A 213 -21.19 -9.75 -19.42
N THR A 214 -21.49 -8.83 -18.51
CA THR A 214 -22.05 -7.55 -18.89
C THR A 214 -21.14 -6.37 -18.53
N ILE A 215 -19.85 -6.63 -18.35
CA ILE A 215 -18.97 -5.59 -17.85
C ILE A 215 -18.84 -4.43 -18.79
N TRP A 216 -18.95 -4.70 -20.09
CA TRP A 216 -18.73 -3.66 -21.08
C TRP A 216 -19.94 -2.73 -21.23
N LYS A 217 -21.04 -3.05 -20.56
CA LYS A 217 -22.24 -2.22 -20.57
C LYS A 217 -22.32 -1.33 -19.33
N GLU A 218 -21.40 -1.51 -18.38
CA GLU A 218 -21.42 -0.73 -17.16
C GLU A 218 -20.93 0.68 -17.35
N GLU A 219 -21.48 1.56 -16.54
CA GLU A 219 -20.99 2.91 -16.39
C GLU A 219 -20.02 2.99 -15.25
N PRO A 220 -19.01 3.86 -15.38
CA PRO A 220 -18.08 4.04 -14.26
C PRO A 220 -18.75 4.65 -13.04
N ILE A 221 -18.12 4.50 -11.91
CA ILE A 221 -18.55 5.20 -10.68
C ILE A 221 -17.94 6.58 -10.68
N PRO A 222 -18.55 7.55 -9.97
CA PRO A 222 -17.95 8.85 -9.87
C PRO A 222 -16.89 8.76 -8.81
N CYS A 223 -15.67 8.99 -9.23
N CYS A 223 -15.64 8.95 -9.21
CA CYS A 223 -14.58 8.80 -8.33
CA CYS A 223 -14.53 8.78 -8.30
C CYS A 223 -14.28 10.06 -7.54
C CYS A 223 -14.27 10.04 -7.52
N THR A 224 -15.16 10.33 -6.56
CA THR A 224 -15.16 11.57 -5.78
C THR A 224 -15.08 11.30 -4.31
N ALA A 225 -14.71 12.31 -3.54
CA ALA A 225 -14.75 12.16 -2.10
C ALA A 225 -16.16 11.85 -1.65
N HIS A 226 -17.15 12.47 -2.29
CA HIS A 226 -18.50 12.17 -1.91
C HIS A 226 -18.89 10.70 -2.08
N TRP A 227 -18.51 10.10 -3.19
CA TRP A 227 -18.78 8.70 -3.39
C TRP A 227 -18.14 7.85 -2.28
N HIS A 228 -16.90 8.16 -1.95
CA HIS A 228 -16.17 7.33 -1.01
C HIS A 228 -16.60 7.54 0.44
N PHE A 229 -16.89 8.78 0.83
CA PHE A 229 -17.09 9.09 2.23
C PHE A 229 -18.47 9.60 2.62
N GLY A 230 -19.28 9.99 1.65
CA GLY A 230 -20.58 10.70 1.93
C GLY A 230 -21.64 9.79 2.51
N LYS B 4 12.39 5.40 27.68
CA LYS B 4 11.51 5.21 26.50
C LYS B 4 12.30 4.71 25.26
N LYS B 5 11.72 3.75 24.57
CA LYS B 5 12.30 3.12 23.40
C LYS B 5 11.56 3.51 22.15
N VAL B 6 12.29 3.89 21.11
CA VAL B 6 11.71 4.33 19.85
C VAL B 6 12.27 3.52 18.71
N LEU B 7 11.38 3.06 17.83
CA LEU B 7 11.78 2.43 16.57
C LEU B 7 11.34 3.37 15.46
N ILE B 8 12.27 3.71 14.56
CA ILE B 8 11.97 4.47 13.34
C ILE B 8 12.07 3.51 12.16
N VAL B 9 10.96 3.28 11.48
CA VAL B 9 10.90 2.43 10.29
C VAL B 9 10.98 3.42 9.12
N TYR B 10 12.08 3.39 8.42
CA TYR B 10 12.46 4.40 7.45
C TYR B 10 12.53 3.82 6.05
N ALA B 11 11.86 4.48 5.11
CA ALA B 11 11.72 3.97 3.74
C ALA B 11 12.08 5.01 2.69
N HIS B 12 13.37 5.26 2.53
CA HIS B 12 13.84 6.10 1.43
C HIS B 12 15.18 5.57 0.94
N GLN B 13 15.38 5.67 -0.36
CA GLN B 13 16.59 5.12 -0.98
C GLN B 13 17.83 5.97 -0.79
N GLU B 14 17.65 7.26 -0.49
CA GLU B 14 18.75 8.24 -0.57
C GLU B 14 19.03 8.89 0.76
N PRO B 15 20.23 8.66 1.31
CA PRO B 15 20.53 9.24 2.64
C PRO B 15 20.50 10.76 2.70
N LYS B 16 20.78 11.41 1.57
CA LYS B 16 20.80 12.87 1.50
C LYS B 16 19.42 13.48 1.25
N SER B 17 18.39 12.64 1.18
CA SER B 17 17.07 13.12 0.91
C SER B 17 16.48 13.91 2.08
N PHE B 18 15.39 14.59 1.80
CA PHE B 18 14.62 15.24 2.84
C PHE B 18 14.14 14.22 3.87
N ASN B 19 13.64 13.08 3.42
CA ASN B 19 13.29 12.00 4.35
C ASN B 19 14.47 11.59 5.23
N GLY B 20 15.66 11.47 4.61
CA GLY B 20 16.85 11.14 5.36
C GLY B 20 17.10 12.14 6.45
N SER B 21 16.94 13.41 6.12
CA SER B 21 17.16 14.46 7.11
C SER B 21 16.14 14.42 8.25
N LEU B 22 14.87 14.14 7.92
CA LEU B 22 13.85 13.99 8.97
C LEU B 22 14.18 12.80 9.89
N LYS B 23 14.64 11.69 9.30
CA LYS B 23 15.04 10.55 10.12
C LYS B 23 16.22 10.93 11.02
N ASN B 24 17.22 11.61 10.46
CA ASN B 24 18.42 11.92 11.22
C ASN B 24 18.13 12.89 12.36
N VAL B 25 17.24 13.88 12.13
N VAL B 25 17.28 13.88 12.13
CA VAL B 25 16.94 14.82 13.21
CA VAL B 25 16.95 14.84 13.18
C VAL B 25 16.17 14.13 14.32
C VAL B 25 16.13 14.17 14.31
N ALA B 26 15.36 13.14 13.96
CA ALA B 26 14.63 12.35 14.93
C ALA B 26 15.60 11.54 15.80
N VAL B 27 16.54 10.87 15.14
CA VAL B 27 17.56 10.13 15.90
C VAL B 27 18.30 11.09 16.84
N ASP B 28 18.72 12.24 16.33
CA ASP B 28 19.51 13.15 17.11
C ASP B 28 18.73 13.66 18.31
N GLU B 29 17.50 14.07 18.09
CA GLU B 29 16.68 14.65 19.19
C GLU B 29 16.30 13.61 20.23
N LEU B 30 15.82 12.47 19.77
CA LEU B 30 15.40 11.42 20.70
C LEU B 30 16.62 10.87 21.46
N SER B 31 17.77 10.75 20.79
CA SER B 31 19.00 10.28 21.45
C SER B 31 19.42 11.30 22.51
N ARG B 32 19.33 12.60 22.18
CA ARG B 32 19.67 13.66 23.14
C ARG B 32 18.85 13.58 24.42
N GLN B 33 17.57 13.23 24.28
CA GLN B 33 16.69 13.06 25.41
C GLN B 33 17.03 11.88 26.28
N GLY B 34 17.83 10.97 25.77
CA GLY B 34 18.17 9.75 26.50
C GLY B 34 17.32 8.56 26.08
N CYS B 35 16.53 8.68 25.03
CA CYS B 35 15.76 7.54 24.57
C CYS B 35 16.64 6.50 23.93
N THR B 36 16.17 5.26 23.97
CA THR B 36 16.75 4.18 23.19
C THR B 36 16.16 4.26 21.80
N VAL B 37 17.02 4.34 20.79
CA VAL B 37 16.58 4.56 19.43
C VAL B 37 17.13 3.50 18.49
N THR B 38 16.26 2.98 17.63
CA THR B 38 16.64 2.01 16.62
C THR B 38 16.02 2.48 15.31
N VAL B 39 16.75 2.32 14.21
CA VAL B 39 16.25 2.65 12.89
C VAL B 39 16.26 1.40 12.03
N SER B 40 15.15 1.06 11.40
CA SER B 40 15.10 0.02 10.39
C SER B 40 15.09 0.71 9.04
N ASP B 41 16.25 0.71 8.39
CA ASP B 41 16.44 1.41 7.10
C ASP B 41 16.13 0.36 6.03
N LEU B 42 14.88 0.31 5.61
CA LEU B 42 14.38 -0.80 4.82
C LEU B 42 15.14 -1.01 3.51
N TYR B 43 15.43 0.08 2.77
CA TYR B 43 16.17 -0.11 1.52
C TYR B 43 17.60 -0.59 1.76
N ALA B 44 18.23 -0.07 2.81
CA ALA B 44 19.61 -0.51 3.12
C ALA B 44 19.67 -1.96 3.55
N MET B 45 18.59 -2.41 4.21
CA MET B 45 18.43 -3.80 4.61
C MET B 45 18.00 -4.69 3.45
N ASN B 46 17.63 -4.08 2.33
CA ASN B 46 17.06 -4.77 1.20
C ASN B 46 15.87 -5.63 1.62
N LEU B 47 15.02 -5.07 2.48
CA LEU B 47 13.95 -5.85 3.07
C LEU B 47 13.08 -6.50 2.00
N GLU B 48 12.84 -7.79 2.16
CA GLU B 48 11.92 -8.53 1.31
C GLU B 48 10.50 -8.00 1.53
N PRO B 49 9.82 -7.55 0.44
CA PRO B 49 8.45 -7.09 0.63
C PRO B 49 7.38 -8.11 0.38
N ARG B 50 7.72 -9.17 -0.36
CA ARG B 50 6.72 -10.13 -0.80
C ARG B 50 6.32 -11.08 0.33
N ALA B 51 5.03 -11.37 0.43
CA ALA B 51 4.53 -12.32 1.41
C ALA B 51 4.58 -13.72 0.77
N THR B 52 5.61 -14.50 1.12
CA THR B 52 5.77 -15.81 0.50
C THR B 52 6.07 -16.87 1.51
N ASP B 53 6.08 -18.09 1.03
CA ASP B 53 6.43 -19.24 1.89
C ASP B 53 7.87 -19.22 2.40
N LYS B 54 8.73 -18.38 1.85
CA LYS B 54 10.08 -18.21 2.38
C LYS B 54 10.06 -17.56 3.76
N ASP B 55 8.91 -16.98 4.12
CA ASP B 55 8.79 -16.37 5.44
C ASP B 55 8.65 -17.35 6.60
N ILE B 56 8.41 -18.61 6.26
CA ILE B 56 8.30 -19.68 7.24
C ILE B 56 9.54 -20.58 7.05
N THR B 57 10.32 -20.74 8.13
CA THR B 57 11.53 -21.53 8.08
C THR B 57 11.20 -22.95 8.53
N GLY B 58 12.07 -23.89 8.16
CA GLY B 58 12.03 -25.24 8.75
C GLY B 58 10.97 -26.13 8.16
N THR B 59 10.50 -25.79 6.97
CA THR B 59 9.52 -26.60 6.27
C THR B 59 10.22 -27.68 5.49
N LEU B 60 9.92 -28.93 5.84
CA LEU B 60 10.53 -30.05 5.17
C LEU B 60 9.84 -30.31 3.84
N SER B 61 8.52 -30.35 3.86
CA SER B 61 7.72 -30.61 2.67
C SER B 61 6.62 -29.55 2.64
N ASN B 62 6.47 -28.92 1.48
CA ASN B 62 5.48 -27.84 1.31
C ASN B 62 4.07 -28.39 1.45
N PRO B 63 3.17 -27.64 2.11
CA PRO B 63 1.78 -28.03 2.17
C PRO B 63 1.20 -28.03 0.75
N GLU B 64 0.18 -28.82 0.52
CA GLU B 64 -0.50 -28.84 -0.78
C GLU B 64 -1.11 -27.49 -1.17
N VAL B 65 -1.60 -26.78 -0.16
CA VAL B 65 -2.21 -25.47 -0.33
C VAL B 65 -1.52 -24.51 0.63
N PHE B 66 -0.98 -23.44 0.08
CA PHE B 66 -0.29 -22.45 0.89
C PHE B 66 -1.21 -21.30 1.27
N ASN B 67 -1.43 -21.11 2.57
CA ASN B 67 -2.26 -20.05 3.12
C ASN B 67 -1.34 -19.16 3.96
N TYR B 68 -0.97 -17.99 3.43
CA TYR B 68 0.05 -17.15 4.08
C TYR B 68 -0.35 -16.80 5.50
N GLY B 69 -1.60 -16.37 5.69
CA GLY B 69 -2.01 -15.99 7.03
C GLY B 69 -1.97 -17.14 8.05
N VAL B 70 -2.46 -18.30 7.66
CA VAL B 70 -2.45 -19.46 8.57
C VAL B 70 -1.02 -19.88 8.86
N GLU B 71 -0.19 -19.95 7.82
CA GLU B 71 1.17 -20.43 8.00
C GLU B 71 1.99 -19.49 8.81
N THR B 72 1.83 -18.17 8.61
CA THR B 72 2.61 -17.23 9.42
C THR B 72 2.15 -17.19 10.87
N HIS B 73 0.86 -17.31 11.09
CA HIS B 73 0.34 -17.38 12.45
C HIS B 73 0.98 -18.55 13.20
N GLU B 74 0.97 -19.70 12.57
CA GLU B 74 1.54 -20.87 13.18
C GLU B 74 3.04 -20.75 13.35
N ALA B 75 3.72 -20.22 12.34
CA ALA B 75 5.16 -20.01 12.43
C ALA B 75 5.54 -19.04 13.56
N TYR B 76 4.73 -18.01 13.78
CA TYR B 76 4.98 -17.08 14.88
C TYR B 76 4.96 -17.86 16.20
N LYS B 77 3.91 -18.66 16.38
CA LYS B 77 3.76 -19.43 17.63
C LYS B 77 4.91 -20.44 17.82
N GLN B 78 5.43 -20.96 16.71
CA GLN B 78 6.51 -21.94 16.72
C GLN B 78 7.91 -21.31 16.63
N ARG B 79 7.98 -19.97 16.65
CA ARG B 79 9.26 -19.29 16.52
C ARG B 79 10.02 -19.72 15.29
N SER B 80 9.29 -19.86 14.17
N SER B 80 9.27 -19.84 14.19
CA SER B 80 9.88 -20.33 12.92
CA SER B 80 9.82 -20.33 12.96
C SER B 80 9.63 -19.38 11.75
C SER B 80 9.59 -19.39 11.79
N LEU B 81 9.50 -18.10 12.07
CA LEU B 81 9.47 -17.11 11.02
C LEU B 81 10.89 -16.80 10.59
N ALA B 82 11.02 -16.33 9.37
CA ALA B 82 12.29 -15.84 8.86
C ALA B 82 12.96 -14.85 9.78
N SER B 83 14.28 -14.83 9.79
CA SER B 83 15.00 -14.02 10.79
C SER B 83 14.78 -12.51 10.57
N ASP B 84 14.55 -12.07 9.33
CA ASP B 84 14.28 -10.66 9.12
C ASP B 84 13.03 -10.23 9.85
N ILE B 85 11.98 -11.02 9.72
CA ILE B 85 10.72 -10.76 10.38
C ILE B 85 10.90 -10.81 11.90
N THR B 86 11.51 -11.88 12.40
CA THR B 86 11.70 -12.05 13.83
C THR B 86 12.46 -10.84 14.42
N ASP B 87 13.48 -10.39 13.72
CA ASP B 87 14.31 -9.26 14.21
C ASP B 87 13.46 -7.97 14.27
N GLU B 88 12.61 -7.76 13.25
CA GLU B 88 11.70 -6.60 13.32
C GLU B 88 10.70 -6.70 14.43
N GLN B 89 10.19 -7.89 14.66
CA GLN B 89 9.22 -8.10 15.74
C GLN B 89 9.84 -7.76 17.10
N LYS B 90 11.10 -8.15 17.30
CA LYS B 90 11.73 -7.85 18.59
C LYS B 90 11.80 -6.31 18.80
N LYS B 91 12.13 -5.59 17.73
CA LYS B 91 12.23 -4.15 17.81
C LYS B 91 10.89 -3.52 18.14
N VAL B 92 9.83 -3.99 17.49
CA VAL B 92 8.48 -3.52 17.77
C VAL B 92 8.01 -3.87 19.18
N ARG B 93 8.29 -5.11 19.58
CA ARG B 93 7.86 -5.57 20.92
C ARG B 93 8.40 -4.71 22.01
N GLU B 94 9.65 -4.29 21.86
CA GLU B 94 10.30 -3.47 22.88
C GLU B 94 9.97 -1.97 22.80
N ALA B 95 9.52 -1.49 21.64
CA ALA B 95 9.32 -0.07 21.40
C ALA B 95 8.12 0.47 22.15
N ASP B 96 8.27 1.68 22.68
CA ASP B 96 7.15 2.47 23.21
C ASP B 96 6.51 3.35 22.15
N LEU B 97 7.31 3.71 21.15
CA LEU B 97 6.87 4.58 20.05
C LEU B 97 7.46 4.01 18.79
N VAL B 98 6.64 3.88 17.76
CA VAL B 98 7.08 3.51 16.40
C VAL B 98 6.77 4.65 15.47
N ILE B 99 7.81 5.24 14.89
CA ILE B 99 7.69 6.31 13.89
C ILE B 99 7.92 5.70 12.53
N PHE B 100 7.04 5.98 11.58
CA PHE B 100 7.24 5.59 10.18
C PHE B 100 7.63 6.81 9.42
N GLN B 101 8.77 6.78 8.73
CA GLN B 101 9.27 7.93 7.96
C GLN B 101 9.31 7.54 6.52
N PHE B 102 8.48 8.18 5.67
CA PHE B 102 8.42 7.78 4.29
C PHE B 102 7.87 8.88 3.39
N PRO B 103 8.25 8.80 2.12
CA PRO B 103 7.56 9.59 1.09
C PRO B 103 6.26 8.91 0.71
N LEU B 104 5.24 9.74 0.47
CA LEU B 104 3.95 9.22 0.02
C LEU B 104 4.11 8.69 -1.39
N TYR B 105 3.72 7.43 -1.59
CA TYR B 105 3.70 6.79 -2.90
C TYR B 105 2.28 6.33 -3.19
N TRP B 106 1.62 6.93 -4.16
CA TRP B 106 0.26 6.53 -4.52
C TRP B 106 -0.69 6.55 -3.32
N PHE B 107 -0.65 7.68 -2.59
CA PHE B 107 -1.55 7.90 -1.47
C PHE B 107 -1.35 6.87 -0.35
N SER B 108 -0.14 6.28 -0.27
CA SER B 108 0.12 5.24 0.66
C SER B 108 1.63 5.14 0.93
N VAL B 109 2.02 4.04 1.53
CA VAL B 109 3.43 3.79 1.81
C VAL B 109 4.12 3.19 0.57
N PRO B 110 5.43 3.44 0.41
CA PRO B 110 6.18 2.69 -0.57
C PRO B 110 6.01 1.19 -0.39
N ALA B 111 6.08 0.45 -1.47
CA ALA B 111 5.88 -1.00 -1.37
C ALA B 111 6.80 -1.69 -0.36
N ILE B 112 8.05 -1.23 -0.23
CA ILE B 112 8.94 -1.91 0.71
C ILE B 112 8.40 -1.79 2.15
N LEU B 113 7.84 -0.63 2.48
CA LEU B 113 7.21 -0.43 3.79
C LEU B 113 5.89 -1.18 3.89
N LYS B 114 5.11 -1.24 2.80
CA LYS B 114 3.93 -2.07 2.83
C LYS B 114 4.31 -3.50 3.15
N GLY B 115 5.42 -3.97 2.60
CA GLY B 115 5.88 -5.33 2.87
C GLY B 115 6.28 -5.54 4.31
N TRP B 116 6.91 -4.52 4.93
CA TRP B 116 7.20 -4.57 6.36
C TRP B 116 5.88 -4.77 7.12
N MET B 117 4.84 -4.00 6.80
CA MET B 117 3.56 -4.15 7.49
CA MET B 117 3.53 -4.13 7.48
C MET B 117 3.00 -5.55 7.30
N ASP B 118 2.95 -5.99 6.04
CA ASP B 118 2.35 -7.28 5.71
C ASP B 118 3.03 -8.44 6.41
N ARG B 119 4.37 -8.41 6.48
CA ARG B 119 5.15 -9.54 6.95
C ARG B 119 5.41 -9.47 8.45
N VAL B 120 5.62 -8.27 9.01
CA VAL B 120 5.99 -8.16 10.44
C VAL B 120 4.76 -8.27 11.34
N LEU B 121 3.65 -7.65 10.94
CA LEU B 121 2.47 -7.50 11.81
C LEU B 121 1.57 -8.74 11.66
N CYS B 122 2.11 -9.90 12.02
CA CYS B 122 1.38 -11.15 11.78
C CYS B 122 0.43 -11.50 12.92
N GLN B 123 -0.51 -12.38 12.63
CA GLN B 123 -1.41 -12.87 13.66
C GLN B 123 -0.60 -13.60 14.73
N GLY B 124 -1.00 -13.40 15.99
CA GLY B 124 -0.24 -13.89 17.16
C GLY B 124 0.73 -12.84 17.71
N PHE B 125 1.25 -11.98 16.84
CA PHE B 125 2.20 -10.98 17.24
C PHE B 125 1.52 -9.63 17.43
N ALA B 126 0.87 -9.13 16.37
CA ALA B 126 0.27 -7.80 16.35
C ALA B 126 -1.22 -7.79 16.74
N PHE B 127 -1.90 -8.90 16.48
CA PHE B 127 -3.31 -9.04 16.75
C PHE B 127 -3.61 -10.53 16.91
N ASP B 128 -4.74 -10.79 17.51
CA ASP B 128 -5.29 -12.14 17.59
C ASP B 128 -6.75 -12.03 17.17
N ILE B 129 -7.40 -13.19 16.98
CA ILE B 129 -8.81 -13.18 16.64
C ILE B 129 -9.51 -14.00 17.72
N PRO B 130 -10.19 -13.36 18.69
CA PRO B 130 -10.32 -11.91 18.89
C PRO B 130 -9.03 -11.33 19.46
N GLY B 131 -8.93 -10.01 19.46
CA GLY B 131 -7.73 -9.29 19.95
C GLY B 131 -7.24 -8.31 18.94
N PHE B 132 -8.09 -7.36 18.60
CA PHE B 132 -7.79 -6.32 17.62
C PHE B 132 -8.51 -5.03 17.96
N TYR B 133 -8.14 -3.95 17.29
CA TYR B 133 -8.54 -2.60 17.65
C TYR B 133 -8.15 -2.34 19.09
N ASP B 134 -9.09 -1.98 19.95
CA ASP B 134 -8.69 -1.66 21.32
C ASP B 134 -8.08 -2.86 22.09
N SER B 135 -8.36 -4.07 21.62
N SER B 135 -8.37 -4.09 21.63
CA SER B 135 -7.76 -5.28 22.19
CA SER B 135 -7.76 -5.30 22.19
C SER B 135 -6.59 -5.82 21.39
C SER B 135 -6.59 -5.85 21.36
N GLY B 136 -6.06 -5.03 20.47
CA GLY B 136 -4.91 -5.46 19.71
C GLY B 136 -3.70 -5.71 20.60
N LEU B 137 -2.78 -6.51 20.11
CA LEU B 137 -1.68 -7.00 20.95
C LEU B 137 -0.56 -6.00 21.16
N LEU B 138 -0.57 -4.91 20.38
CA LEU B 138 0.40 -3.84 20.55
C LEU B 138 -0.18 -2.67 21.35
N GLN B 139 -1.25 -2.96 22.08
CA GLN B 139 -1.80 -1.97 22.99
C GLN B 139 -0.73 -1.51 23.98
N GLY B 140 -0.84 -0.24 24.32
CA GLY B 140 0.15 0.39 25.21
C GLY B 140 1.30 1.04 24.49
N LYS B 141 1.36 0.90 23.16
CA LYS B 141 2.36 1.53 22.34
C LYS B 141 1.76 2.68 21.54
N LEU B 142 2.63 3.58 21.12
CA LEU B 142 2.28 4.70 20.28
C LEU B 142 2.86 4.54 18.90
N ALA B 143 2.18 5.09 17.88
CA ALA B 143 2.70 5.11 16.52
C ALA B 143 2.48 6.51 15.95
N LEU B 144 3.31 6.86 14.97
CA LEU B 144 3.28 8.17 14.34
C LEU B 144 3.74 8.05 12.92
N LEU B 145 2.95 8.59 11.98
CA LEU B 145 3.36 8.64 10.57
C LEU B 145 3.97 9.95 10.26
N SER B 146 5.21 9.93 9.79
CA SER B 146 5.93 11.12 9.32
C SER B 146 6.08 10.96 7.81
N VAL B 147 5.28 11.73 7.08
CA VAL B 147 5.06 11.58 5.63
CA VAL B 147 5.15 11.55 5.65
C VAL B 147 5.57 12.82 4.89
N THR B 148 6.20 12.63 3.73
CA THR B 148 6.52 13.74 2.85
C THR B 148 5.72 13.57 1.58
N THR B 149 5.41 14.66 0.91
CA THR B 149 4.61 14.58 -0.30
C THR B 149 5.20 15.38 -1.47
N GLY B 150 4.86 15.03 -2.71
CA GLY B 150 5.12 15.91 -3.83
C GLY B 150 4.11 17.01 -3.98
N GLY B 151 2.85 16.64 -3.74
CA GLY B 151 1.74 17.58 -3.82
C GLY B 151 1.78 18.59 -2.67
N THR B 152 1.16 19.73 -2.90
CA THR B 152 1.12 20.80 -1.91
C THR B 152 0.02 20.59 -0.88
N ALA B 153 0.14 21.33 0.23
CA ALA B 153 -0.89 21.26 1.27
C ALA B 153 -2.23 21.62 0.68
N GLU B 154 -2.27 22.63 -0.16
CA GLU B 154 -3.54 23.09 -0.77
C GLU B 154 -4.18 22.03 -1.67
N MET B 155 -3.35 21.26 -2.38
CA MET B 155 -3.88 20.15 -3.18
C MET B 155 -4.56 19.11 -2.28
N TYR B 156 -4.01 18.94 -1.09
CA TYR B 156 -4.51 17.99 -0.11
C TYR B 156 -5.47 18.65 0.89
N THR B 157 -6.45 19.30 0.32
CA THR B 157 -7.60 19.88 1.07
C THR B 157 -8.86 19.31 0.49
N LYS B 158 -9.95 19.45 1.23
CA LYS B 158 -11.22 18.89 0.78
C LYS B 158 -11.62 19.39 -0.61
N THR B 159 -11.31 20.65 -0.90
CA THR B 159 -11.64 21.22 -2.20
C THR B 159 -10.53 21.14 -3.22
N GLY B 160 -9.39 20.65 -2.79
CA GLY B 160 -8.26 20.50 -3.68
C GLY B 160 -8.37 19.20 -4.47
N VAL B 161 -7.52 19.06 -5.48
CA VAL B 161 -7.63 17.92 -6.38
C VAL B 161 -7.41 16.56 -5.71
N ASN B 162 -6.66 16.57 -4.61
CA ASN B 162 -6.34 15.30 -3.94
C ASN B 162 -7.21 14.96 -2.78
N GLY B 163 -8.13 15.85 -2.39
CA GLY B 163 -8.90 15.65 -1.16
C GLY B 163 -8.05 15.87 0.08
N ASP B 164 -8.67 15.90 1.24
N ASP B 164 -8.68 15.89 1.24
CA ASP B 164 -7.96 16.17 2.52
CA ASP B 164 -7.93 16.20 2.44
C ASP B 164 -6.87 15.11 2.71
C ASP B 164 -6.88 15.12 2.70
N SER B 165 -5.73 15.53 3.22
CA SER B 165 -4.67 14.57 3.56
C SER B 165 -5.17 13.51 4.52
N ARG B 166 -6.09 13.87 5.41
CA ARG B 166 -6.56 12.88 6.37
C ARG B 166 -7.23 11.69 5.69
N TYR B 167 -7.80 11.91 4.50
CA TYR B 167 -8.52 10.86 3.83
C TYR B 167 -7.63 9.66 3.53
N PHE B 168 -6.39 9.90 3.07
CA PHE B 168 -5.51 8.78 2.73
C PHE B 168 -4.91 8.10 3.94
N LEU B 169 -5.01 8.74 5.11
CA LEU B 169 -4.44 8.14 6.31
C LEU B 169 -5.24 6.98 6.86
N TRP B 170 -6.50 6.82 6.44
CA TRP B 170 -7.39 5.82 7.03
C TRP B 170 -6.85 4.39 7.00
N PRO B 171 -6.39 3.87 5.87
CA PRO B 171 -5.89 2.51 5.89
C PRO B 171 -4.72 2.28 6.83
N LEU B 172 -3.88 3.29 6.95
CA LEU B 172 -2.67 3.23 7.77
C LEU B 172 -3.00 3.41 9.26
N GLN B 173 -3.69 4.49 9.57
CA GLN B 173 -3.98 4.79 10.96
C GLN B 173 -5.04 3.90 11.57
N HIS B 174 -6.17 3.73 10.91
CA HIS B 174 -7.26 2.91 11.44
C HIS B 174 -7.04 1.45 11.12
N GLY B 175 -6.90 1.14 9.83
CA GLY B 175 -6.87 -0.24 9.40
C GLY B 175 -5.66 -1.03 9.81
N THR B 176 -4.56 -0.33 10.07
CA THR B 176 -3.31 -0.99 10.46
C THR B 176 -2.95 -0.67 11.89
N LEU B 177 -2.61 0.58 12.19
CA LEU B 177 -2.05 0.90 13.49
C LEU B 177 -3.09 0.71 14.61
N HIS B 178 -4.26 1.28 14.46
CA HIS B 178 -5.29 1.11 15.48
C HIS B 178 -5.70 -0.34 15.57
N PHE B 179 -5.81 -1.02 14.44
CA PHE B 179 -6.17 -2.45 14.47
C PHE B 179 -5.24 -3.27 15.36
N CYS B 180 -3.95 -2.93 15.36
CA CYS B 180 -2.96 -3.64 16.16
C CYS B 180 -2.93 -3.17 17.62
N GLY B 181 -3.73 -2.17 17.97
CA GLY B 181 -3.82 -1.66 19.32
C GLY B 181 -2.99 -0.44 19.61
N PHE B 182 -2.28 0.09 18.62
CA PHE B 182 -1.55 1.32 18.83
C PHE B 182 -2.49 2.47 19.11
N LYS B 183 -2.02 3.40 19.93
CA LYS B 183 -2.59 4.74 19.97
C LYS B 183 -1.78 5.55 18.97
N VAL B 184 -2.43 6.40 18.20
CA VAL B 184 -1.83 7.10 17.07
C VAL B 184 -1.65 8.58 17.40
N LEU B 185 -0.41 9.04 17.35
CA LEU B 185 -0.09 10.44 17.47
C LEU B 185 -0.39 11.13 16.15
N ALA B 186 -0.69 12.43 16.20
CA ALA B 186 -1.05 13.15 14.98
C ALA B 186 0.06 13.02 13.95
N PRO B 187 -0.29 12.85 12.69
CA PRO B 187 0.76 12.69 11.67
C PRO B 187 1.61 13.91 11.52
N GLN B 188 2.86 13.70 11.12
CA GLN B 188 3.73 14.80 10.70
C GLN B 188 3.73 14.80 9.19
N ILE B 189 3.11 15.78 8.52
CA ILE B 189 3.11 15.80 7.07
C ILE B 189 3.93 16.97 6.65
N SER B 190 5.03 16.67 5.96
CA SER B 190 5.92 17.67 5.42
C SER B 190 5.62 17.80 3.94
N PHE B 191 4.84 18.83 3.59
CA PHE B 191 4.36 18.95 2.23
C PHE B 191 5.38 19.52 1.28
N ALA B 192 5.52 18.88 0.12
CA ALA B 192 6.17 19.47 -1.02
C ALA B 192 7.57 20.05 -0.74
N PRO B 193 8.49 19.24 -0.22
CA PRO B 193 9.83 19.74 0.04
C PRO B 193 10.55 20.18 -1.22
N GLU B 194 10.31 19.53 -2.35
CA GLU B 194 10.99 19.93 -3.61
C GLU B 194 10.64 21.35 -4.02
N ILE B 195 9.40 21.73 -3.81
CA ILE B 195 8.88 23.07 -4.16
C ILE B 195 9.37 24.13 -3.17
N ALA B 196 9.55 23.72 -1.92
CA ALA B 196 9.92 24.61 -0.84
C ALA B 196 11.29 25.19 -1.08
N SER B 197 11.50 26.41 -0.59
CA SER B 197 12.84 27.01 -0.61
C SER B 197 13.75 26.30 0.38
N GLU B 198 15.05 26.49 0.25
CA GLU B 198 16.01 25.89 1.21
C GLU B 198 15.62 26.26 2.64
N GLU B 199 15.26 27.52 2.87
CA GLU B 199 14.85 28.02 4.19
C GLU B 199 13.59 27.34 4.68
N GLU B 200 12.63 27.20 3.77
CA GLU B 200 11.37 26.52 4.16
C GLU B 200 11.65 25.03 4.50
N ARG B 201 12.51 24.39 3.73
CA ARG B 201 12.89 23.00 4.04
C ARG B 201 13.56 22.88 5.39
N LYS B 202 14.51 23.77 5.65
CA LYS B 202 15.15 23.78 6.97
C LYS B 202 14.12 23.97 8.06
N GLY B 203 13.14 24.85 7.81
CA GLY B 203 12.04 25.05 8.74
C GLY B 203 11.26 23.81 9.03
N MET B 204 10.96 23.04 8.00
CA MET B 204 10.17 21.81 8.17
C MET B 204 10.96 20.78 8.97
N VAL B 205 12.28 20.71 8.76
CA VAL B 205 13.11 19.80 9.55
C VAL B 205 13.16 20.24 11.02
N ALA B 206 13.36 21.54 11.20
CA ALA B 206 13.40 22.10 12.56
C ALA B 206 12.08 21.92 13.28
N ALA B 207 10.98 22.05 12.54
CA ALA B 207 9.65 21.88 13.15
C ALA B 207 9.46 20.47 13.67
N TRP B 208 9.94 19.49 12.92
CA TRP B 208 9.86 18.11 13.37
C TRP B 208 10.71 17.88 14.60
N SER B 209 11.96 18.36 14.57
CA SER B 209 12.81 18.25 15.75
C SER B 209 12.16 18.88 16.99
N GLN B 210 11.62 20.09 16.81
CA GLN B 210 10.92 20.79 17.89
C GLN B 210 9.75 20.01 18.43
N ARG B 211 8.95 19.45 17.54
CA ARG B 211 7.84 18.64 17.97
C ARG B 211 8.32 17.44 18.82
N LEU B 212 9.41 16.81 18.38
CA LEU B 212 9.91 15.65 19.09
C LEU B 212 10.38 15.96 20.50
N GLN B 213 10.76 17.21 20.77
CA GLN B 213 11.17 17.58 22.14
C GLN B 213 10.10 17.30 23.16
N THR B 214 8.82 17.41 22.76
CA THR B 214 7.73 17.21 23.67
C THR B 214 6.81 16.08 23.24
N ILE B 215 7.33 15.12 22.47
CA ILE B 215 6.47 14.09 21.92
C ILE B 215 5.81 13.23 22.99
N TRP B 216 6.50 13.03 24.11
CA TRP B 216 6.00 12.17 25.18
C TRP B 216 4.88 12.81 26.00
N LYS B 217 4.62 14.09 25.77
CA LYS B 217 3.54 14.82 26.41
C LYS B 217 2.31 14.94 25.54
N GLU B 218 2.40 14.49 24.29
CA GLU B 218 1.23 14.58 23.40
C GLU B 218 0.14 13.57 23.72
N GLU B 219 -1.10 13.98 23.45
CA GLU B 219 -2.21 13.07 23.46
C GLU B 219 -2.39 12.51 22.03
N PRO B 220 -2.79 11.26 21.95
CA PRO B 220 -3.12 10.68 20.65
C PRO B 220 -4.34 11.31 20.02
N ILE B 221 -4.45 11.12 18.72
CA ILE B 221 -5.67 11.53 18.00
C ILE B 221 -6.74 10.49 18.26
N PRO B 222 -8.03 10.90 18.16
CA PRO B 222 -9.07 9.92 18.16
C PRO B 222 -9.09 9.28 16.79
N CYS B 223 -8.82 8.00 16.73
N CYS B 223 -8.80 7.99 16.76
CA CYS B 223 -8.64 7.39 15.44
CA CYS B 223 -8.74 7.26 15.50
C CYS B 223 -9.97 6.86 14.91
C CYS B 223 -10.12 6.85 15.05
N THR B 224 -10.82 7.80 14.47
CA THR B 224 -12.22 7.60 14.13
C THR B 224 -12.51 8.01 12.68
N ALA B 225 -13.63 7.55 12.15
CA ALA B 225 -14.07 8.03 10.87
C ALA B 225 -14.28 9.55 10.93
N HIS B 226 -14.80 10.07 12.04
CA HIS B 226 -14.96 11.51 12.13
C HIS B 226 -13.65 12.30 11.98
N TRP B 227 -12.62 11.84 12.67
CA TRP B 227 -11.33 12.49 12.52
C TRP B 227 -10.86 12.50 11.08
N HIS B 228 -11.01 11.38 10.42
CA HIS B 228 -10.46 11.24 9.06
C HIS B 228 -11.30 11.96 8.01
N PHE B 229 -12.62 11.90 8.13
CA PHE B 229 -13.51 12.31 7.02
C PHE B 229 -14.39 13.52 7.30
N GLY B 230 -14.52 13.90 8.57
CA GLY B 230 -15.36 15.06 8.99
C GLY B 230 -14.75 16.39 8.62
#